data_6OIQ
#
_entry.id   6OIQ
#
_cell.length_a   46.603
_cell.length_b   56.772
_cell.length_c   122.277
_cell.angle_alpha   90.00
_cell.angle_beta   90.00
_cell.angle_gamma   90.00
#
_symmetry.space_group_name_H-M   'P 21 21 21'
#
loop_
_entity.id
_entity.type
_entity.pdbx_description
1 polymer 'Histone acetyltransferase KAT8'
2 non-polymer 'ZINC ION'
3 non-polymer "2-fluoro-N'-(phenylsulfonyl)[1,1'-biphenyl]-3-carbohydrazide"
4 non-polymer GLYCEROL
5 water water
#
_entity_poly.entity_id   1
_entity_poly.type   'polypeptide(L)'
_entity_poly.pdbx_seq_one_letter_code
;VKYVDKIHIGNYEIDAWYFSPFPEDYGKQPKLWLCEYCLKYMKYEKSYRFHLGQCQWRQPPGKEIYRKSNISVHEVDGKD
HKIYCQNLCLLAKLFLDH(ALY)TLYFDVEPFVFYILTEVDRQGAHIVGYFSKEKESPDGNNVSCIMILPPYQRRGYGRF
LIAFSYELSKLESTVGSPEKPLSDLGKLSYRSYWSWVLLENLRDFRGTLSIKDLSQMTSITQNDIISTLQSLNMVKYWKG
QHVICVTPKLVEEHLKSAQYKKPPITVDSVCLKWAPP
;
_entity_poly.pdbx_strand_id   A
#
# COMPACT_ATOMS: atom_id res chain seq x y z
N LYS A 2 -14.18 -22.94 12.63
CA LYS A 2 -12.81 -23.53 12.94
C LYS A 2 -11.57 -22.69 12.55
N TYR A 3 -11.45 -22.14 11.32
CA TYR A 3 -10.53 -20.98 11.16
C TYR A 3 -11.33 -19.71 11.33
N VAL A 4 -10.65 -18.56 11.55
CA VAL A 4 -11.40 -17.30 11.56
C VAL A 4 -12.00 -17.09 10.18
N ASP A 5 -13.30 -16.85 10.14
CA ASP A 5 -13.86 -16.59 8.79
C ASP A 5 -14.58 -15.28 8.63
N LYS A 6 -14.65 -14.48 9.71
CA LYS A 6 -15.40 -13.20 9.64
C LYS A 6 -14.81 -12.38 10.77
N ILE A 7 -14.58 -11.09 10.49
CA ILE A 7 -14.16 -10.17 11.56
C ILE A 7 -15.15 -8.99 11.67
N HIS A 8 -15.19 -8.37 12.85
CA HIS A 8 -15.83 -7.09 13.02
C HIS A 8 -14.80 -6.11 13.39
N ILE A 9 -14.71 -5.03 12.61
CA ILE A 9 -13.70 -4.01 12.94
C ILE A 9 -14.40 -2.66 12.70
N GLY A 10 -14.43 -1.77 13.68
CA GLY A 10 -15.12 -0.49 13.49
C GLY A 10 -16.59 -0.76 13.23
N ASN A 11 -17.17 -0.18 12.18
CA ASN A 11 -18.54 -0.49 11.78
C ASN A 11 -18.64 -1.53 10.71
N TYR A 12 -17.59 -2.29 10.46
CA TYR A 12 -17.63 -3.20 9.28
C TYR A 12 -17.60 -4.64 9.79
N GLU A 13 -18.32 -5.53 9.10
CA GLU A 13 -18.10 -6.96 9.24
C GLU A 13 -17.53 -7.37 7.90
N ILE A 14 -16.51 -8.20 7.91
CA ILE A 14 -15.78 -8.45 6.67
C ILE A 14 -15.49 -9.95 6.68
N ASP A 15 -15.84 -10.64 5.57
CA ASP A 15 -15.50 -12.08 5.49
C ASP A 15 -13.98 -12.30 5.21
N ALA A 16 -13.40 -13.38 5.75
CA ALA A 16 -11.97 -13.70 5.46
C ALA A 16 -11.81 -14.23 4.00
N TRP A 17 -10.63 -14.04 3.40
CA TRP A 17 -10.26 -14.64 2.14
C TRP A 17 -9.30 -15.78 2.30
N TYR A 18 -8.55 -15.78 3.40
CA TYR A 18 -7.47 -16.81 3.57
C TYR A 18 -7.38 -17.12 5.05
N PHE A 19 -6.71 -18.24 5.32
CA PHE A 19 -6.32 -18.60 6.69
C PHE A 19 -5.30 -17.60 7.27
N SER A 20 -5.54 -17.21 8.50
CA SER A 20 -4.53 -16.45 9.26
C SER A 20 -4.36 -17.12 10.62
N PRO A 21 -3.11 -17.18 11.11
CA PRO A 21 -2.87 -18.02 12.34
C PRO A 21 -3.07 -17.29 13.68
N PHE A 22 -4.24 -16.69 13.82
CA PHE A 22 -4.73 -16.40 15.13
C PHE A 22 -4.75 -17.69 15.94
N PRO A 23 -4.54 -17.55 17.25
CA PRO A 23 -4.59 -18.75 18.15
C PRO A 23 -5.90 -19.50 18.00
N GLU A 24 -5.76 -20.83 18.17
CA GLU A 24 -6.80 -21.71 17.72
C GLU A 24 -8.14 -21.39 18.34
N ASP A 25 -8.08 -21.08 19.64
CA ASP A 25 -9.22 -20.69 20.46
CA ASP A 25 -9.27 -20.75 20.42
C ASP A 25 -10.06 -19.52 19.87
N TYR A 26 -9.36 -18.63 19.14
CA TYR A 26 -9.97 -17.43 18.52
C TYR A 26 -10.73 -17.78 17.21
N GLY A 27 -10.24 -18.81 16.56
CA GLY A 27 -10.84 -19.33 15.36
C GLY A 27 -12.18 -19.99 15.63
N LYS A 28 -12.34 -20.56 16.82
CA LYS A 28 -13.56 -21.38 17.16
C LYS A 28 -14.82 -20.51 17.16
N GLN A 29 -14.65 -19.22 17.43
CA GLN A 29 -15.80 -18.31 17.59
C GLN A 29 -16.51 -18.01 16.24
N PRO A 30 -17.83 -17.60 16.26
CA PRO A 30 -18.42 -17.15 14.99
C PRO A 30 -17.73 -15.94 14.32
N LYS A 31 -17.35 -14.93 15.11
CA LYS A 31 -16.66 -13.77 14.54
C LYS A 31 -15.42 -13.53 15.43
N LEU A 32 -14.39 -12.85 14.89
CA LEU A 32 -13.34 -12.26 15.71
C LEU A 32 -13.58 -10.70 15.68
N TRP A 33 -13.46 -10.08 16.86
CA TRP A 33 -13.83 -8.66 17.02
C TRP A 33 -12.53 -7.94 17.23
N LEU A 34 -12.21 -6.94 16.37
CA LEU A 34 -10.94 -6.24 16.49
C LEU A 34 -11.20 -4.79 16.81
N CYS A 35 -10.44 -4.27 17.78
CA CYS A 35 -10.48 -2.84 18.07
C CYS A 35 -9.91 -2.11 16.82
N GLU A 36 -10.61 -1.13 16.27
CA GLU A 36 -10.06 -0.62 14.99
C GLU A 36 -8.89 0.31 15.26
N TYR A 37 -8.66 0.71 16.51
CA TYR A 37 -7.50 1.55 16.82
C TYR A 37 -6.26 0.88 17.28
N CYS A 38 -6.32 -0.06 18.24
CA CYS A 38 -5.11 -0.73 18.70
C CYS A 38 -4.96 -2.14 18.08
N LEU A 39 -5.99 -2.60 17.38
CA LEU A 39 -5.99 -3.88 16.64
C LEU A 39 -6.00 -5.12 17.53
N LYS A 40 -6.28 -4.90 18.83
CA LYS A 40 -6.42 -6.08 19.71
C LYS A 40 -7.61 -6.93 19.16
N TYR A 41 -7.43 -8.26 19.12
CA TYR A 41 -8.50 -9.12 18.70
C TYR A 41 -9.12 -9.83 19.90
N MET A 42 -10.44 -9.95 19.84
CA MET A 42 -11.21 -10.44 21.01
C MET A 42 -12.21 -11.48 20.54
N LYS A 43 -12.65 -12.33 21.50
CA LYS A 43 -13.48 -13.46 21.14
C LYS A 43 -14.96 -13.26 21.24
N TYR A 44 -15.40 -12.26 21.96
CA TYR A 44 -16.82 -12.03 22.24
C TYR A 44 -17.27 -10.61 22.01
N GLU A 45 -18.51 -10.42 21.53
CA GLU A 45 -19.05 -9.10 21.47
C GLU A 45 -18.96 -8.40 22.81
N LYS A 46 -19.15 -9.14 23.91
CA LYS A 46 -19.06 -8.40 25.21
C LYS A 46 -17.66 -7.91 25.63
N SER A 47 -16.64 -8.72 25.33
CA SER A 47 -15.28 -8.31 25.70
C SER A 47 -14.91 -7.15 24.71
N TYR A 48 -15.45 -7.18 23.50
CA TYR A 48 -15.18 -6.12 22.50
C TYR A 48 -15.81 -4.76 22.95
N ARG A 49 -17.07 -4.85 23.40
CA ARG A 49 -17.76 -3.62 23.84
C ARG A 49 -17.13 -3.04 25.10
N PHE A 50 -16.66 -3.92 26.00
CA PHE A 50 -15.93 -3.44 27.15
C PHE A 50 -14.64 -2.74 26.79
N HIS A 51 -13.93 -3.35 25.84
CA HIS A 51 -12.71 -2.78 25.34
C HIS A 51 -12.97 -1.44 24.66
N LEU A 52 -14.06 -1.33 23.91
CA LEU A 52 -14.32 -0.05 23.22
C LEU A 52 -14.52 1.11 24.18
N GLY A 53 -15.06 0.82 25.36
CA GLY A 53 -15.25 1.85 26.35
C GLY A 53 -14.02 2.20 27.12
N GLN A 54 -13.04 1.31 27.19
CA GLN A 54 -11.83 1.49 27.94
C GLN A 54 -10.63 2.00 27.12
N CYS A 55 -10.56 1.60 25.87
CA CYS A 55 -9.32 1.77 25.14
C CYS A 55 -9.09 3.25 24.86
N GLN A 56 -7.89 3.73 25.12
CA GLN A 56 -7.67 5.15 24.92
C GLN A 56 -7.13 5.49 23.52
N TRP A 57 -6.76 4.48 22.71
CA TRP A 57 -6.20 4.76 21.38
CA TRP A 57 -6.20 4.82 21.40
C TRP A 57 -7.28 5.27 20.46
N ARG A 58 -6.96 6.35 19.68
CA ARG A 58 -7.86 6.78 18.60
C ARG A 58 -7.10 6.99 17.28
N GLN A 59 -5.92 6.41 17.20
CA GLN A 59 -5.12 6.45 15.95
C GLN A 59 -4.05 5.38 16.09
N PRO A 60 -3.30 5.06 15.04
CA PRO A 60 -2.16 4.19 15.21
C PRO A 60 -1.03 4.74 16.09
N PRO A 61 -0.19 3.85 16.59
CA PRO A 61 0.97 4.35 17.35
C PRO A 61 2.04 4.86 16.36
N GLY A 62 3.24 5.20 16.83
CA GLY A 62 4.35 5.62 15.95
C GLY A 62 4.16 7.09 15.58
N LYS A 63 4.76 7.49 14.49
CA LYS A 63 4.78 8.90 14.16
C LYS A 63 3.84 9.20 12.95
N GLU A 64 3.05 10.26 13.02
CA GLU A 64 2.26 10.68 11.86
C GLU A 64 3.25 11.36 10.91
N ILE A 65 3.63 10.67 9.84
CA ILE A 65 4.59 11.26 8.88
C ILE A 65 3.89 11.93 7.69
N TYR A 66 2.55 11.80 7.60
CA TYR A 66 1.82 12.45 6.55
C TYR A 66 0.52 12.83 7.04
N ARG A 67 0.16 14.08 6.84
CA ARG A 67 -1.23 14.49 7.07
C ARG A 67 -1.67 15.57 6.08
N LYS A 68 -2.75 15.31 5.37
CA LYS A 68 -3.33 16.32 4.45
C LYS A 68 -4.82 16.22 4.53
N SER A 69 -5.46 17.26 5.08
CA SER A 69 -6.92 17.20 5.32
C SER A 69 -7.13 16.00 6.28
N ASN A 70 -8.00 15.06 5.91
CA ASN A 70 -8.29 13.93 6.86
C ASN A 70 -7.64 12.63 6.40
N ILE A 71 -6.59 12.73 5.60
CA ILE A 71 -5.80 11.54 5.21
C ILE A 71 -4.49 11.57 5.93
N SER A 72 -4.14 10.44 6.56
CA SER A 72 -2.90 10.43 7.34
CA SER A 72 -3.00 10.40 7.47
C SER A 72 -2.19 9.12 7.21
N VAL A 73 -0.86 9.21 7.27
CA VAL A 73 -0.04 8.00 7.32
C VAL A 73 0.80 7.98 8.60
N HIS A 74 0.79 6.87 9.38
CA HIS A 74 1.68 6.69 10.50
C HIS A 74 2.75 5.70 10.23
N GLU A 75 3.97 6.02 10.63
CA GLU A 75 5.10 5.11 10.49
C GLU A 75 5.31 4.40 11.80
N VAL A 76 5.26 3.07 11.79
CA VAL A 76 5.31 2.29 13.02
C VAL A 76 6.42 1.29 12.91
N ASP A 77 7.46 1.43 13.74
CA ASP A 77 8.58 0.49 13.70
C ASP A 77 8.23 -0.81 14.47
N GLY A 78 8.42 -1.99 13.87
CA GLY A 78 8.02 -3.28 14.44
C GLY A 78 8.78 -3.55 15.77
N LYS A 79 9.95 -2.94 15.95
CA LYS A 79 10.66 -3.13 17.24
C LYS A 79 10.01 -2.30 18.32
N ASP A 80 9.53 -1.09 18.06
CA ASP A 80 8.95 -0.22 19.08
C ASP A 80 7.51 -0.61 19.45
N HIS A 81 6.78 -1.21 18.51
CA HIS A 81 5.32 -1.44 18.74
C HIS A 81 5.01 -2.83 18.30
N LYS A 82 5.62 -3.84 18.98
CA LYS A 82 5.59 -5.18 18.44
C LYS A 82 4.16 -5.76 18.38
N ILE A 83 3.45 -5.62 19.50
CA ILE A 83 2.11 -6.23 19.61
C ILE A 83 1.20 -5.61 18.55
N TYR A 84 1.22 -4.31 18.39
CA TYR A 84 0.33 -3.65 17.39
C TYR A 84 0.69 -4.21 15.99
N CYS A 85 1.97 -4.29 15.68
CA CYS A 85 2.40 -4.80 14.39
C CYS A 85 2.05 -6.28 14.13
N GLN A 86 2.12 -7.13 15.16
CA GLN A 86 1.74 -8.52 15.03
C GLN A 86 0.25 -8.59 14.78
N ASN A 87 -0.49 -7.76 15.49
CA ASN A 87 -1.97 -7.76 15.31
C ASN A 87 -2.30 -7.33 13.87
N LEU A 88 -1.58 -6.37 13.38
CA LEU A 88 -1.82 -5.88 11.99
C LEU A 88 -1.47 -6.95 11.00
N CYS A 89 -0.37 -7.69 11.23
CA CYS A 89 0.03 -8.74 10.33
C CYS A 89 -1.01 -9.91 10.30
N LEU A 90 -1.62 -10.23 11.46
CA LEU A 90 -2.59 -11.31 11.51
C LEU A 90 -3.87 -10.80 10.79
N LEU A 91 -4.19 -9.54 10.99
CA LEU A 91 -5.36 -8.99 10.23
C LEU A 91 -5.07 -9.06 8.73
N ALA A 92 -3.87 -8.65 8.29
CA ALA A 92 -3.57 -8.61 6.86
C ALA A 92 -3.60 -10.00 6.20
N LYS A 93 -3.18 -11.02 6.95
CA LYS A 93 -3.04 -12.35 6.42
C LYS A 93 -4.44 -12.91 6.06
N LEU A 94 -5.46 -12.37 6.68
CA LEU A 94 -6.86 -12.69 6.29
C LEU A 94 -7.15 -12.41 4.83
N PHE A 95 -6.40 -11.46 4.22
CA PHE A 95 -6.64 -11.04 2.83
C PHE A 95 -5.50 -11.22 1.90
N LEU A 96 -4.42 -11.85 2.40
CA LEU A 96 -3.23 -12.01 1.59
C LEU A 96 -2.90 -13.51 1.58
N ASP A 97 -2.72 -14.08 0.39
CA ASP A 97 -2.48 -15.52 0.31
C ASP A 97 -1.02 -15.80 0.70
N HIS A 98 -0.13 -14.89 0.30
CA HIS A 98 1.36 -15.11 0.19
C HIS A 98 2.13 -14.52 1.32
N THR A 100 3.96 -14.29 4.78
CA THR A 100 4.31 -15.46 5.65
C THR A 100 4.89 -15.05 7.03
N LEU A 101 5.02 -13.76 7.26
CA LEU A 101 5.66 -13.27 8.46
C LEU A 101 4.59 -12.51 9.32
N TYR A 102 4.38 -12.97 10.55
CA TYR A 102 3.35 -12.40 11.43
C TYR A 102 3.94 -11.98 12.75
N PHE A 103 4.94 -12.73 13.25
CA PHE A 103 5.41 -12.49 14.63
C PHE A 103 6.78 -11.80 14.73
N ASP A 104 7.68 -12.21 13.85
CA ASP A 104 9.03 -11.60 13.74
C ASP A 104 8.96 -10.21 12.99
N VAL A 105 8.35 -9.21 13.63
CA VAL A 105 8.04 -7.94 12.97
C VAL A 105 9.18 -6.93 13.15
N GLU A 106 10.16 -7.22 14.03
CA GLU A 106 11.18 -6.20 14.31
C GLU A 106 11.99 -5.73 13.08
N PRO A 107 12.25 -6.61 12.10
CA PRO A 107 13.00 -6.10 10.90
C PRO A 107 12.17 -5.16 9.98
N PHE A 108 10.91 -4.89 10.37
CA PHE A 108 10.02 -4.13 9.48
C PHE A 108 9.57 -2.80 10.01
N VAL A 109 9.27 -1.90 9.07
CA VAL A 109 8.53 -0.69 9.43
C VAL A 109 7.14 -0.77 8.72
N PHE A 110 6.10 -0.28 9.38
CA PHE A 110 4.76 -0.35 8.83
C PHE A 110 4.17 1.00 8.59
N TYR A 111 3.56 1.19 7.42
CA TYR A 111 3.01 2.50 7.11
C TYR A 111 1.52 2.35 7.06
N ILE A 112 0.82 2.93 8.01
CA ILE A 112 -0.61 2.66 8.21
C ILE A 112 -1.39 3.83 7.64
N LEU A 113 -2.31 3.58 6.71
CA LEU A 113 -3.13 4.63 6.10
C LEU A 113 -4.48 4.74 6.85
N THR A 114 -4.84 5.97 7.29
CA THR A 114 -6.09 6.17 7.96
C THR A 114 -6.85 7.33 7.34
N GLU A 115 -8.14 7.30 7.56
CA GLU A 115 -9.04 8.38 7.10
C GLU A 115 -9.71 8.84 8.38
N VAL A 116 -9.63 10.16 8.63
CA VAL A 116 -9.89 10.72 9.97
C VAL A 116 -11.29 11.39 10.04
N ASP A 117 -12.06 11.15 11.13
CA ASP A 117 -13.27 11.93 11.40
C ASP A 117 -13.18 12.40 12.88
N ARG A 118 -14.22 13.05 13.36
CA ARG A 118 -14.26 13.54 14.74
C ARG A 118 -14.07 12.45 15.80
N GLN A 119 -14.40 11.22 15.46
CA GLN A 119 -14.16 10.03 16.38
C GLN A 119 -12.72 9.53 16.45
N GLY A 120 -11.98 9.55 15.34
CA GLY A 120 -10.56 9.25 15.43
C GLY A 120 -10.11 8.85 14.02
N ALA A 121 -8.98 8.18 13.94
CA ALA A 121 -8.30 7.87 12.62
C ALA A 121 -8.54 6.39 12.30
N HIS A 122 -9.28 6.13 11.21
CA HIS A 122 -9.86 4.84 10.85
C HIS A 122 -8.99 4.10 9.86
N ILE A 123 -8.49 2.92 10.25
CA ILE A 123 -7.57 2.21 9.36
C ILE A 123 -8.20 1.76 8.03
N VAL A 124 -7.47 2.06 6.93
CA VAL A 124 -7.90 1.71 5.57
C VAL A 124 -7.04 0.59 5.08
N GLY A 125 -5.74 0.63 5.34
CA GLY A 125 -4.81 -0.37 4.86
C GLY A 125 -3.39 -0.01 5.26
N TYR A 126 -2.39 -0.70 4.74
CA TYR A 126 -1.02 -0.41 5.10
C TYR A 126 -0.09 -1.01 4.12
N PHE A 127 1.17 -0.65 4.22
CA PHE A 127 2.19 -1.60 3.63
C PHE A 127 3.34 -1.72 4.59
N SER A 128 4.01 -2.86 4.56
CA SER A 128 5.18 -3.10 5.40
C SER A 128 6.38 -2.90 4.51
N LYS A 129 7.55 -2.67 5.11
CA LYS A 129 8.76 -2.47 4.28
C LYS A 129 9.92 -2.97 5.17
N GLU A 130 10.85 -3.72 4.57
CA GLU A 130 12.07 -4.09 5.35
C GLU A 130 12.92 -2.89 5.59
N LYS A 131 13.34 -2.71 6.80
CA LYS A 131 14.29 -1.64 7.15
C LYS A 131 15.56 -1.76 6.33
N GLU A 132 16.02 -2.99 6.12
CA GLU A 132 17.11 -3.22 5.23
C GLU A 132 16.71 -4.25 4.23
N SER A 133 16.58 -3.86 2.97
CA SER A 133 16.19 -4.79 1.95
C SER A 133 17.41 -5.05 1.05
N PRO A 134 17.98 -6.26 1.12
CA PRO A 134 19.13 -6.57 0.25
C PRO A 134 18.67 -6.52 -1.23
N ASP A 135 17.36 -6.73 -1.51
CA ASP A 135 16.90 -6.88 -2.87
C ASP A 135 16.31 -5.60 -3.42
N GLY A 136 16.34 -4.53 -2.66
CA GLY A 136 15.78 -3.28 -3.15
C GLY A 136 14.24 -3.33 -3.20
N ASN A 137 13.60 -4.07 -2.32
CA ASN A 137 12.11 -4.01 -2.26
C ASN A 137 11.62 -2.83 -1.43
N ASN A 138 10.80 -2.00 -2.01
CA ASN A 138 10.34 -0.84 -1.29
C ASN A 138 8.95 -1.05 -0.64
N VAL A 139 8.38 -2.23 -0.87
CA VAL A 139 7.14 -2.75 -0.20
C VAL A 139 7.39 -4.22 0.02
N SER A 140 7.11 -4.72 1.22
CA SER A 140 7.08 -6.12 1.47
C SER A 140 5.65 -6.68 1.22
N CYS A 141 4.64 -6.20 1.98
CA CYS A 141 3.22 -6.64 1.73
C CYS A 141 2.46 -5.33 1.65
N ILE A 142 1.38 -5.30 0.83
CA ILE A 142 0.53 -4.14 0.84
C ILE A 142 -0.93 -4.67 0.83
N MET A 143 -1.78 -4.09 1.70
CA MET A 143 -3.15 -4.62 1.85
C MET A 143 -4.08 -3.45 2.12
N ILE A 144 -5.21 -3.39 1.36
CA ILE A 144 -6.25 -2.38 1.56
C ILE A 144 -7.47 -3.26 1.99
N LEU A 145 -8.11 -2.86 3.11
CA LEU A 145 -9.27 -3.73 3.62
C LEU A 145 -10.37 -3.68 2.58
N PRO A 146 -11.08 -4.83 2.42
CA PRO A 146 -12.10 -4.95 1.40
C PRO A 146 -13.00 -3.70 1.20
N PRO A 147 -13.59 -3.09 2.26
CA PRO A 147 -14.53 -2.00 1.98
C PRO A 147 -13.89 -0.73 1.33
N TYR A 148 -12.57 -0.64 1.35
CA TYR A 148 -11.89 0.45 0.70
C TYR A 148 -11.20 0.06 -0.58
N GLN A 149 -11.26 -1.18 -1.04
CA GLN A 149 -10.60 -1.51 -2.26
C GLN A 149 -11.19 -0.83 -3.49
N ARG A 150 -10.32 -0.58 -4.48
CA ARG A 150 -10.72 0.00 -5.75
C ARG A 150 -11.35 1.37 -5.57
N ARG A 151 -10.93 2.10 -4.54
CA ARG A 151 -11.44 3.46 -4.33
C ARG A 151 -10.34 4.46 -4.21
N GLY A 152 -9.17 4.14 -4.78
CA GLY A 152 -8.07 5.10 -4.81
C GLY A 152 -7.10 5.05 -3.64
N TYR A 153 -7.42 4.28 -2.57
CA TYR A 153 -6.53 4.23 -1.45
C TYR A 153 -5.26 3.42 -1.76
N GLY A 154 -5.40 2.27 -2.49
CA GLY A 154 -4.27 1.51 -2.93
C GLY A 154 -3.35 2.32 -3.82
N ARG A 155 -3.95 3.17 -4.65
CA ARG A 155 -3.13 3.99 -5.54
CA ARG A 155 -3.15 4.01 -5.56
C ARG A 155 -2.29 4.96 -4.72
N PHE A 156 -2.94 5.61 -3.71
CA PHE A 156 -2.25 6.50 -2.77
C PHE A 156 -1.06 5.79 -2.11
N LEU A 157 -1.27 4.61 -1.54
CA LEU A 157 -0.21 3.91 -0.84
C LEU A 157 0.92 3.50 -1.74
N ILE A 158 0.60 3.05 -2.97
CA ILE A 158 1.68 2.64 -3.89
C ILE A 158 2.50 3.97 -4.18
N ALA A 159 1.82 5.04 -4.50
CA ALA A 159 2.54 6.35 -4.75
C ALA A 159 3.38 6.74 -3.58
N PHE A 160 2.83 6.55 -2.38
CA PHE A 160 3.50 6.91 -1.14
C PHE A 160 4.78 6.13 -1.01
N SER A 161 4.74 4.83 -1.34
CA SER A 161 5.91 4.02 -1.22
C SER A 161 7.06 4.49 -2.17
N TYR A 162 6.71 5.01 -3.37
CA TYR A 162 7.73 5.49 -4.29
C TYR A 162 8.20 6.86 -3.78
N GLU A 163 7.32 7.61 -3.10
CA GLU A 163 7.76 8.91 -2.51
C GLU A 163 8.83 8.67 -1.46
N LEU A 164 8.72 7.59 -0.65
CA LEU A 164 9.81 7.29 0.28
C LEU A 164 11.10 6.93 -0.49
N SER A 165 10.95 6.09 -1.52
CA SER A 165 12.12 5.64 -2.34
C SER A 165 12.86 6.87 -2.92
N LYS A 166 12.09 7.84 -3.41
CA LYS A 166 12.69 9.07 -3.99
C LYS A 166 13.48 9.79 -2.92
N LEU A 167 12.93 9.91 -1.72
CA LEU A 167 13.66 10.51 -0.57
C LEU A 167 14.90 9.76 -0.14
N GLU A 168 14.95 8.44 -0.38
CA GLU A 168 16.11 7.62 -0.13
C GLU A 168 17.11 7.62 -1.33
N SER A 169 16.84 8.38 -2.41
CA SER A 169 17.67 8.37 -3.65
C SER A 169 17.85 6.96 -4.17
N THR A 170 16.77 6.19 -4.23
CA THR A 170 16.95 4.80 -4.64
C THR A 170 15.75 4.36 -5.47
N VAL A 171 15.91 3.31 -6.29
CA VAL A 171 14.76 2.74 -6.97
C VAL A 171 14.25 1.63 -6.04
N GLY A 172 13.04 1.17 -6.31
CA GLY A 172 12.47 0.08 -5.50
C GLY A 172 11.37 -0.62 -6.25
N SER A 173 11.06 -1.87 -5.86
CA SER A 173 9.97 -2.58 -6.48
C SER A 173 9.28 -3.40 -5.36
N PRO A 174 7.99 -3.69 -5.53
CA PRO A 174 7.39 -4.44 -4.47
C PRO A 174 7.90 -5.89 -4.46
N GLU A 175 7.97 -6.49 -3.28
CA GLU A 175 8.36 -7.91 -3.16
C GLU A 175 7.36 -8.82 -3.86
N LYS A 176 7.85 -9.81 -4.63
CA LYS A 176 6.96 -10.73 -5.33
C LYS A 176 6.83 -12.03 -4.48
N PRO A 177 5.74 -12.79 -4.67
CA PRO A 177 4.69 -12.60 -5.63
C PRO A 177 3.68 -11.53 -5.21
N LEU A 178 3.10 -10.88 -6.20
CA LEU A 178 2.10 -9.91 -5.95
C LEU A 178 0.78 -10.59 -5.91
N SER A 179 -0.13 -10.00 -5.15
CA SER A 179 -1.49 -10.44 -5.18
C SER A 179 -2.13 -10.14 -6.44
N ASP A 180 -3.27 -10.79 -6.69
CA ASP A 180 -4.01 -10.44 -7.89
C ASP A 180 -4.37 -8.93 -8.00
N LEU A 181 -4.89 -8.37 -6.92
CA LEU A 181 -5.26 -6.92 -6.90
C LEU A 181 -4.00 -6.08 -6.99
N GLY A 182 -2.95 -6.59 -6.35
CA GLY A 182 -1.66 -5.87 -6.26
C GLY A 182 -1.10 -5.76 -7.68
N LYS A 183 -1.13 -6.84 -8.48
CA LYS A 183 -0.60 -6.74 -9.83
C LYS A 183 -1.31 -5.76 -10.66
N LEU A 184 -2.65 -5.84 -10.66
CA LEU A 184 -3.45 -4.91 -11.48
C LEU A 184 -3.15 -3.47 -11.08
N SER A 185 -3.08 -3.26 -9.77
CA SER A 185 -2.89 -1.92 -9.20
C SER A 185 -1.51 -1.34 -9.54
N TYR A 186 -0.46 -2.13 -9.38
CA TYR A 186 0.91 -1.67 -9.80
C TYR A 186 0.96 -1.42 -11.27
N ARG A 187 0.36 -2.32 -12.08
CA ARG A 187 0.46 -2.10 -13.54
CA ARG A 187 0.45 -2.12 -13.53
C ARG A 187 -0.21 -0.79 -13.92
N SER A 188 -1.35 -0.53 -13.28
CA SER A 188 -2.07 0.69 -13.60
C SER A 188 -1.34 1.92 -13.08
N TYR A 189 -0.78 1.84 -11.87
CA TYR A 189 -0.01 2.94 -11.36
C TYR A 189 1.24 3.26 -12.22
N TRP A 190 2.02 2.23 -12.54
CA TRP A 190 3.22 2.47 -13.33
C TRP A 190 2.83 3.09 -14.67
N SER A 191 1.77 2.60 -15.30
CA SER A 191 1.35 3.09 -16.66
C SER A 191 1.02 4.57 -16.53
N TRP A 192 0.21 4.86 -15.52
CA TRP A 192 -0.21 6.24 -15.27
CA TRP A 192 -0.20 6.25 -15.30
C TRP A 192 0.96 7.17 -15.09
N VAL A 193 1.88 6.86 -14.17
CA VAL A 193 3.01 7.68 -13.90
C VAL A 193 3.91 7.88 -15.10
N LEU A 194 4.16 6.77 -15.82
CA LEU A 194 5.10 6.89 -16.96
C LEU A 194 4.43 7.69 -18.08
N LEU A 195 3.15 7.49 -18.27
CA LEU A 195 2.44 8.17 -19.40
C LEU A 195 2.42 9.66 -19.04
N GLU A 196 2.17 9.98 -17.77
CA GLU A 196 2.05 11.39 -17.44
CA GLU A 196 2.04 11.38 -17.40
C GLU A 196 3.43 12.01 -17.60
N ASN A 197 4.53 11.30 -17.23
CA ASN A 197 5.87 11.90 -17.48
C ASN A 197 6.21 12.06 -18.98
N LEU A 198 5.79 11.06 -19.77
CA LEU A 198 5.96 11.10 -21.25
C LEU A 198 5.15 12.31 -21.86
N ARG A 199 3.97 12.60 -21.29
CA ARG A 199 3.18 13.80 -21.69
C ARG A 199 3.96 15.06 -21.35
N ASP A 200 4.48 15.20 -20.13
CA ASP A 200 5.10 16.45 -19.68
C ASP A 200 6.45 16.75 -20.25
N PHE A 201 7.12 15.75 -20.79
CA PHE A 201 8.36 15.97 -21.53
C PHE A 201 8.08 15.64 -23.00
N ARG A 202 8.99 15.03 -23.73
CA ARG A 202 8.59 14.70 -25.11
C ARG A 202 9.62 13.91 -25.90
N GLY A 203 10.90 14.07 -25.57
CA GLY A 203 11.31 14.97 -24.51
C GLY A 203 12.67 14.59 -24.06
N THR A 204 13.28 13.69 -24.84
CA THR A 204 14.62 13.16 -24.56
C THR A 204 14.64 12.61 -23.14
N LEU A 205 13.63 11.79 -22.80
CA LEU A 205 13.60 11.02 -21.56
C LEU A 205 14.06 9.59 -21.90
N SER A 206 15.15 9.12 -21.31
CA SER A 206 15.55 7.71 -21.48
C SER A 206 14.76 6.91 -20.40
N ILE A 207 14.84 5.60 -20.52
CA ILE A 207 14.37 4.71 -19.43
C ILE A 207 15.12 5.02 -18.11
N LYS A 208 16.44 5.29 -18.15
CA LYS A 208 17.20 5.58 -16.95
C LYS A 208 16.65 6.86 -16.35
N ASP A 209 16.33 7.83 -17.21
CA ASP A 209 15.74 9.12 -16.80
C ASP A 209 14.44 8.92 -16.04
N LEU A 210 13.52 8.15 -16.64
CA LEU A 210 12.29 7.81 -15.97
C LEU A 210 12.50 7.07 -14.63
N SER A 211 13.48 6.17 -14.54
CA SER A 211 13.76 5.46 -13.28
C SER A 211 14.24 6.46 -12.20
N GLN A 212 15.17 7.34 -12.56
CA GLN A 212 15.60 8.33 -11.58
C GLN A 212 14.46 9.27 -11.18
N MET A 213 13.57 9.63 -12.09
CA MET A 213 12.52 10.56 -11.74
C MET A 213 11.40 9.93 -10.88
N THR A 214 11.19 8.63 -11.04
CA THR A 214 9.94 8.01 -10.45
C THR A 214 10.28 6.99 -9.34
N SER A 215 11.55 6.61 -9.28
CA SER A 215 12.01 5.52 -8.42
C SER A 215 11.45 4.18 -8.82
N ILE A 216 10.77 4.12 -9.96
CA ILE A 216 10.33 2.80 -10.51
C ILE A 216 11.59 2.13 -11.11
N THR A 217 11.83 0.82 -10.85
CA THR A 217 13.04 0.17 -11.40
C THR A 217 13.02 0.16 -12.94
N GLN A 218 14.19 0.06 -13.55
CA GLN A 218 14.22 -0.04 -15.02
C GLN A 218 13.44 -1.22 -15.54
N ASN A 219 13.51 -2.33 -14.84
CA ASN A 219 12.74 -3.47 -15.28
C ASN A 219 11.25 -3.30 -15.23
N ASP A 220 10.73 -2.68 -14.18
CA ASP A 220 9.31 -2.46 -14.11
C ASP A 220 8.88 -1.40 -15.13
N ILE A 221 9.75 -0.42 -15.40
CA ILE A 221 9.45 0.57 -16.48
C ILE A 221 9.39 -0.16 -17.82
N ILE A 222 10.39 -0.99 -18.08
CA ILE A 222 10.39 -1.72 -19.39
C ILE A 222 9.19 -2.64 -19.54
N SER A 223 8.89 -3.45 -18.50
CA SER A 223 7.76 -4.34 -18.68
C SER A 223 6.47 -3.55 -18.87
N THR A 224 6.37 -2.39 -18.21
CA THR A 224 5.18 -1.52 -18.42
C THR A 224 5.10 -0.92 -19.87
N LEU A 225 6.21 -0.39 -20.30
CA LEU A 225 6.31 0.19 -21.64
C LEU A 225 6.08 -0.90 -22.69
N GLN A 226 6.55 -2.11 -22.45
CA GLN A 226 6.17 -3.23 -23.38
C GLN A 226 4.69 -3.52 -23.45
N SER A 227 4.02 -3.47 -22.28
CA SER A 227 2.62 -3.73 -22.29
C SER A 227 1.90 -2.55 -23.01
N LEU A 228 2.50 -1.38 -23.07
CA LEU A 228 1.83 -0.24 -23.78
C LEU A 228 2.31 -0.15 -25.23
N ASN A 229 3.20 -1.07 -25.61
CA ASN A 229 3.87 -1.03 -26.92
C ASN A 229 4.55 0.27 -27.19
N MET A 230 5.36 0.74 -26.22
CA MET A 230 6.04 2.04 -26.31
C MET A 230 7.54 1.92 -26.28
N VAL A 231 8.04 0.71 -26.61
CA VAL A 231 9.47 0.52 -26.56
C VAL A 231 9.91 -0.21 -27.85
N LYS A 232 11.04 0.20 -28.39
CA LYS A 232 11.64 -0.56 -29.44
C LYS A 232 12.94 -1.18 -28.91
N TYR A 233 13.53 -2.11 -29.69
CA TYR A 233 14.75 -2.80 -29.18
C TYR A 233 15.82 -2.61 -30.24
N TRP A 234 17.01 -2.18 -29.85
CA TRP A 234 18.07 -1.87 -30.83
C TRP A 234 19.37 -2.33 -30.29
N LYS A 235 19.95 -3.34 -30.99
CA LYS A 235 21.22 -3.96 -30.58
C LYS A 235 21.37 -4.14 -29.04
N GLY A 236 20.36 -4.77 -28.45
CA GLY A 236 20.46 -5.28 -27.11
C GLY A 236 19.90 -4.29 -26.10
N GLN A 237 19.42 -3.15 -26.57
CA GLN A 237 18.94 -2.11 -25.63
C GLN A 237 17.48 -1.81 -25.90
N HIS A 238 16.66 -1.86 -24.83
CA HIS A 238 15.28 -1.28 -24.90
C HIS A 238 15.35 0.20 -24.96
N VAL A 239 14.66 0.83 -25.94
CA VAL A 239 14.63 2.29 -26.15
C VAL A 239 13.18 2.87 -26.23
N ILE A 240 12.91 4.04 -25.63
CA ILE A 240 11.51 4.54 -25.71
C ILE A 240 11.06 4.95 -27.10
N CYS A 241 9.85 4.61 -27.46
CA CYS A 241 9.41 4.96 -28.82
C CYS A 241 7.95 5.30 -28.83
N VAL A 242 7.62 6.59 -28.74
CA VAL A 242 6.22 7.00 -28.67
C VAL A 242 5.97 8.42 -29.15
N THR A 243 4.84 8.61 -29.78
CA THR A 243 4.37 9.93 -30.15
C THR A 243 3.55 10.57 -29.02
N PRO A 244 3.70 11.90 -28.83
CA PRO A 244 2.77 12.72 -28.01
C PRO A 244 1.30 12.32 -28.17
N LYS A 245 0.88 12.01 -29.39
CA LYS A 245 -0.53 11.63 -29.60
C LYS A 245 -0.90 10.29 -29.01
N LEU A 246 -0.04 9.28 -29.18
CA LEU A 246 -0.29 7.94 -28.65
C LEU A 246 -0.34 8.02 -27.08
N VAL A 247 0.56 8.84 -26.55
CA VAL A 247 0.54 9.07 -25.08
C VAL A 247 -0.86 9.60 -24.63
N GLU A 248 -1.37 10.63 -25.32
CA GLU A 248 -2.70 11.11 -24.97
C GLU A 248 -3.85 10.10 -25.18
N GLU A 249 -3.79 9.29 -26.25
CA GLU A 249 -4.78 8.24 -26.47
C GLU A 249 -4.83 7.32 -25.28
N HIS A 250 -3.69 6.91 -24.76
CA HIS A 250 -3.67 6.07 -23.55
CA HIS A 250 -3.68 6.07 -23.56
C HIS A 250 -4.27 6.69 -22.34
N LEU A 251 -3.89 7.91 -22.07
CA LEU A 251 -4.41 8.64 -20.94
C LEU A 251 -5.88 9.02 -21.00
N LYS A 252 -6.46 9.02 -22.20
CA LYS A 252 -7.89 9.36 -22.37
C LYS A 252 -8.79 8.22 -21.95
N SER A 253 -8.19 7.06 -21.74
CA SER A 253 -8.93 5.85 -21.41
CA SER A 253 -8.92 5.86 -21.42
C SER A 253 -9.53 5.85 -20.01
N ALA A 254 -10.70 5.20 -19.85
CA ALA A 254 -11.44 5.10 -18.55
C ALA A 254 -10.56 4.74 -17.32
N GLN A 255 -9.53 3.93 -17.52
CA GLN A 255 -8.59 3.56 -16.46
C GLN A 255 -8.07 4.76 -15.66
N TYR A 256 -7.76 5.87 -16.36
CA TYR A 256 -7.05 6.98 -15.76
C TYR A 256 -7.92 8.16 -15.45
N LYS A 257 -9.23 7.93 -15.40
CA LYS A 257 -10.21 9.01 -15.30
C LYS A 257 -10.72 9.25 -13.89
N LYS A 258 -10.45 8.35 -12.94
CA LYS A 258 -10.92 8.61 -11.58
C LYS A 258 -9.99 9.65 -10.99
N PRO A 259 -10.56 10.63 -10.24
CA PRO A 259 -9.71 11.68 -9.62
C PRO A 259 -8.87 11.02 -8.49
N PRO A 260 -7.55 11.08 -8.60
CA PRO A 260 -6.73 10.40 -7.56
C PRO A 260 -6.73 11.12 -6.19
N ILE A 261 -6.53 10.45 -5.03
CA ILE A 261 -6.18 11.08 -3.74
C ILE A 261 -4.66 11.26 -3.93
N THR A 262 -4.12 12.47 -3.93
CA THR A 262 -2.72 12.58 -4.42
C THR A 262 -1.82 12.68 -3.21
N VAL A 263 -0.56 12.29 -3.34
CA VAL A 263 0.39 12.46 -2.23
C VAL A 263 1.05 13.82 -2.40
N ASP A 264 0.83 14.73 -1.44
CA ASP A 264 1.37 16.08 -1.54
C ASP A 264 2.70 16.04 -0.84
N SER A 265 3.82 16.17 -1.58
CA SER A 265 5.13 16.09 -0.94
C SER A 265 5.29 17.15 0.15
N VAL A 266 4.55 18.26 0.08
CA VAL A 266 4.68 19.31 1.09
C VAL A 266 4.23 18.75 2.46
N CYS A 267 3.36 17.74 2.44
CA CYS A 267 2.79 17.22 3.70
C CYS A 267 3.49 15.96 4.24
N LEU A 268 4.49 15.48 3.56
CA LEU A 268 5.25 14.35 3.98
C LEU A 268 6.46 14.79 4.78
N LYS A 269 6.60 14.23 5.97
CA LYS A 269 7.65 14.54 6.96
C LYS A 269 8.47 13.35 7.19
N TRP A 270 9.57 13.18 6.47
CA TRP A 270 10.30 11.97 6.63
C TRP A 270 11.68 12.11 6.10
N ALA A 271 12.65 11.55 6.80
CA ALA A 271 13.96 11.40 6.16
C ALA A 271 14.48 10.00 6.37
N PRO A 272 15.28 9.52 5.39
CA PRO A 272 15.93 8.19 5.42
C PRO A 272 16.56 7.99 6.80
N PRO A 273 16.38 6.82 7.44
CA PRO A 273 16.82 6.54 8.83
C PRO A 273 18.36 6.45 9.01
#